data_4ULV
#
_entry.id   4ULV
#
_cell.length_a   55.409
_cell.length_b   58.323
_cell.length_c   76.122
_cell.angle_alpha   90.00
_cell.angle_beta   90.00
_cell.angle_gamma   90.00
#
_symmetry.space_group_name_H-M   'P 21 21 21'
#
loop_
_entity.id
_entity.type
_entity.pdbx_description
1 polymer 'CYTOCHROME C, CLASS II'
2 non-polymer 'HEME C'
3 non-polymer GLYCEROL
4 non-polymer 'SULFATE ION'
5 water water
#
_entity_poly.entity_id   1
_entity_poly.type   'polypeptide(L)'
_entity_poly.pdbx_seq_one_letter_code
;NFEEPADAIEYRQAAFGLIAYNFGDMGAMLKGKKPFDAAVFSTRADNVAALSKIPHEGFIAGSDKGDTEALAKIWQDKAD
FDSKMTAFQDNAAALAVAAKSSDQNNIKQAFANTGKSCKGCHDVYKKD
;
_entity_poly.pdbx_strand_id   A,B
#
# COMPACT_ATOMS: atom_id res chain seq x y z
N ASN A 1 0.54 15.99 -6.38
CA ASN A 1 -0.75 15.63 -7.17
C ASN A 1 -2.11 15.74 -6.42
N PHE A 2 -2.06 16.22 -5.20
CA PHE A 2 -3.24 16.32 -4.36
C PHE A 2 -4.07 17.51 -4.72
N GLU A 3 -5.34 17.20 -4.94
CA GLU A 3 -6.32 18.15 -5.40
C GLU A 3 -6.54 19.16 -4.26
N GLU A 4 -6.57 18.66 -3.02
CA GLU A 4 -6.67 19.51 -1.79
C GLU A 4 -5.80 18.96 -0.67
N PRO A 5 -5.42 19.77 0.35
CA PRO A 5 -4.54 19.23 1.41
C PRO A 5 -5.16 18.10 2.20
N ALA A 6 -6.49 18.13 2.38
CA ALA A 6 -7.14 17.00 3.03
C ALA A 6 -6.83 15.67 2.35
N ASP A 7 -6.65 15.74 1.03
CA ASP A 7 -6.33 14.54 0.27
C ASP A 7 -4.96 13.96 0.66
N ALA A 8 -4.01 14.85 0.87
CA ALA A 8 -2.64 14.43 1.23
C ALA A 8 -2.69 13.76 2.57
N ILE A 9 -3.45 14.31 3.48
CA ILE A 9 -3.59 13.69 4.80
C ILE A 9 -4.30 12.38 4.74
N GLU A 10 -5.38 12.25 3.97
CA GLU A 10 -6.05 10.99 3.85
C GLU A 10 -5.13 9.92 3.21
N TYR A 11 -4.35 10.34 2.23
CA TYR A 11 -3.41 9.44 1.55
C TYR A 11 -2.40 8.86 2.57
N ARG A 12 -1.74 9.74 3.31
CA ARG A 12 -0.70 9.19 4.25
C ARG A 12 -1.34 8.33 5.35
N GLN A 13 -2.49 8.77 5.88
CA GLN A 13 -3.22 7.98 6.89
C GLN A 13 -3.65 6.57 6.41
N ALA A 14 -4.12 6.52 5.16
CA ALA A 14 -4.54 5.27 4.54
C ALA A 14 -3.32 4.32 4.46
N ALA A 15 -2.19 4.90 4.07
CA ALA A 15 -0.96 4.05 3.97
C ALA A 15 -0.49 3.51 5.31
N PHE A 16 -0.50 4.39 6.28
CA PHE A 16 -0.13 3.96 7.64
C PHE A 16 -1.05 2.91 8.20
N GLY A 17 -2.34 3.03 7.94
CA GLY A 17 -3.21 1.99 8.37
C GLY A 17 -2.90 0.62 7.81
N LEU A 18 -2.61 0.63 6.52
CA LEU A 18 -2.24 -0.64 5.84
C LEU A 18 -0.91 -1.22 6.38
N ILE A 19 0.00 -0.30 6.64
CA ILE A 19 1.30 -0.73 7.26
C ILE A 19 0.98 -1.39 8.59
N ALA A 20 0.15 -0.72 9.39
CA ALA A 20 -0.15 -1.21 10.79
C ALA A 20 -0.82 -2.57 10.73
N TYR A 21 -1.73 -2.78 9.80
CA TYR A 21 -2.41 -4.07 9.71
C TYR A 21 -1.41 -5.21 9.42
N ASN A 22 -0.52 -4.96 8.48
CA ASN A 22 0.43 -5.99 8.11
C ASN A 22 1.50 -6.21 9.17
N PHE A 23 2.02 -5.10 9.69
CA PHE A 23 3.03 -5.21 10.73
C PHE A 23 2.45 -5.85 11.99
N GLY A 24 1.22 -5.51 12.32
CA GLY A 24 0.50 -6.08 13.46
C GLY A 24 0.25 -7.56 13.38
N ASP A 25 -0.08 -8.01 12.16
CA ASP A 25 -0.20 -9.45 11.93
C ASP A 25 1.08 -10.21 12.15
N MET A 26 2.16 -9.63 11.64
CA MET A 26 3.47 -10.22 11.80
C MET A 26 3.79 -10.30 13.32
N GLY A 27 3.52 -9.22 14.04
CA GLY A 27 3.88 -9.19 15.48
C GLY A 27 2.98 -10.19 16.21
N ALA A 28 1.72 -10.36 15.84
CA ALA A 28 0.86 -11.38 16.48
C ALA A 28 1.44 -12.78 16.34
N MET A 29 1.99 -13.11 15.17
CA MET A 29 2.58 -14.39 14.96
C MET A 29 3.87 -14.58 15.80
N LEU A 30 4.66 -13.52 15.93
CA LEU A 30 5.91 -13.61 16.77
C LEU A 30 5.61 -13.66 18.27
N LYS A 31 4.46 -13.17 18.70
CA LYS A 31 4.09 -13.02 20.09
C LYS A 31 3.07 -14.05 20.53
N GLY A 32 2.84 -15.10 19.76
CA GLY A 32 2.05 -16.22 20.14
C GLY A 32 0.55 -16.04 20.07
N LYS A 33 0.10 -14.97 19.40
CA LYS A 33 -1.29 -14.60 19.44
C LYS A 33 -2.06 -15.17 18.30
N LYS A 34 -1.36 -15.67 17.27
CA LYS A 34 -2.02 -16.41 16.19
C LYS A 34 -1.01 -17.32 15.52
N PRO A 35 -1.49 -18.36 14.83
CA PRO A 35 -0.58 -19.35 14.33
C PRO A 35 0.47 -18.71 13.42
N PHE A 36 1.69 -19.22 13.50
CA PHE A 36 2.82 -18.71 12.73
C PHE A 36 2.85 -19.40 11.36
N ASP A 37 2.86 -18.61 10.29
CA ASP A 37 2.99 -19.11 8.93
C ASP A 37 4.09 -18.32 8.26
N ALA A 38 5.22 -18.98 7.95
CA ALA A 38 6.38 -18.25 7.49
C ALA A 38 6.13 -17.58 6.11
N ALA A 39 5.31 -18.22 5.28
CA ALA A 39 5.05 -17.67 3.97
C ALA A 39 4.23 -16.39 4.05
N VAL A 40 3.20 -16.44 4.92
CA VAL A 40 2.38 -15.26 5.16
C VAL A 40 3.22 -14.17 5.79
N PHE A 41 4.02 -14.57 6.83
CA PHE A 41 4.86 -13.58 7.49
C PHE A 41 5.74 -12.85 6.46
N SER A 42 6.37 -13.65 5.57
CA SER A 42 7.25 -13.11 4.54
C SER A 42 6.52 -12.13 3.61
N THR A 43 5.36 -12.56 3.15
CA THR A 43 4.64 -11.69 2.18
C THR A 43 4.11 -10.40 2.89
N ARG A 44 3.81 -10.50 4.18
CA ARG A 44 3.50 -9.33 4.95
C ARG A 44 4.68 -8.42 5.09
N ALA A 45 5.87 -9.01 5.29
CA ALA A 45 7.04 -8.18 5.34
C ALA A 45 7.28 -7.48 4.01
N ASP A 46 7.04 -8.17 2.91
CA ASP A 46 7.17 -7.54 1.58
C ASP A 46 6.10 -6.42 1.44
N ASN A 47 4.89 -6.65 1.96
CA ASN A 47 3.85 -5.59 1.95
C ASN A 47 4.35 -4.37 2.72
N VAL A 48 4.88 -4.61 3.93
CA VAL A 48 5.39 -3.48 4.71
C VAL A 48 6.53 -2.72 4.02
N ALA A 49 7.47 -3.46 3.44
CA ALA A 49 8.57 -2.81 2.78
C ALA A 49 8.07 -1.94 1.56
N ALA A 50 7.07 -2.43 0.83
CA ALA A 50 6.51 -1.65 -0.29
C ALA A 50 5.72 -0.47 0.21
N LEU A 51 4.90 -0.72 1.23
CA LEU A 51 4.03 0.32 1.82
C LEU A 51 4.80 1.44 2.46
N SER A 52 5.98 1.09 3.02
CA SER A 52 6.79 2.06 3.68
C SER A 52 7.21 3.22 2.82
N LYS A 53 7.21 2.98 1.49
CA LYS A 53 7.59 3.99 0.55
C LYS A 53 6.43 4.94 0.11
N ILE A 54 5.25 4.63 0.62
CA ILE A 54 3.98 5.35 0.18
C ILE A 54 3.68 6.65 0.96
N PRO A 55 3.74 6.66 2.30
CA PRO A 55 3.13 7.84 3.01
C PRO A 55 3.91 9.11 2.93
N HIS A 56 5.24 9.09 2.72
CA HIS A 56 6.02 10.30 2.72
C HIS A 56 5.44 11.40 1.78
N GLU A 57 5.00 11.00 0.60
CA GLU A 57 4.44 11.91 -0.41
C GLU A 57 3.32 12.79 0.15
N GLY A 58 2.59 12.27 1.12
CA GLY A 58 1.51 13.07 1.69
C GLY A 58 1.92 14.21 2.62
N PHE A 59 3.18 14.30 3.04
CA PHE A 59 3.59 15.31 4.01
C PHE A 59 3.93 16.67 3.40
N ILE A 60 2.91 17.23 2.75
CA ILE A 60 3.04 18.49 2.04
C ILE A 60 3.03 19.67 3.01
N ALA A 61 3.70 20.74 2.61
CA ALA A 61 3.68 21.96 3.42
C ALA A 61 2.27 22.42 3.76
N GLY A 62 2.07 22.85 5.02
CA GLY A 62 0.77 23.37 5.48
C GLY A 62 -0.20 22.30 5.97
N SER A 63 0.15 21.01 5.81
CA SER A 63 -0.78 19.95 6.16
C SER A 63 -0.60 19.49 7.59
N ASP A 64 -0.03 20.36 8.45
CA ASP A 64 -0.25 20.25 9.87
C ASP A 64 -1.67 20.72 10.27
N LYS A 65 -2.30 21.50 9.39
CA LYS A 65 -3.67 21.95 9.52
C LYS A 65 -4.57 20.91 8.90
N GLY A 66 -5.73 20.67 9.47
CA GLY A 66 -6.63 19.64 9.06
C GLY A 66 -6.85 18.54 10.06
N ASP A 67 -7.56 17.48 9.66
CA ASP A 67 -7.86 16.38 10.54
C ASP A 67 -6.65 15.42 10.53
N THR A 68 -5.65 15.73 11.37
CA THR A 68 -4.33 15.05 11.26
C THR A 68 -3.72 14.98 12.66
N GLU A 69 -2.88 13.95 12.85
CA GLU A 69 -2.05 13.80 14.01
C GLU A 69 -0.62 14.14 13.74
N ALA A 70 -0.32 14.63 12.55
CA ALA A 70 1.00 15.12 12.24
C ALA A 70 1.31 16.42 12.94
N LEU A 71 2.45 16.54 13.60
CA LEU A 71 2.85 17.77 14.23
C LEU A 71 3.50 18.75 13.30
N ALA A 72 3.30 20.05 13.50
CA ALA A 72 4.00 21.10 12.78
C ALA A 72 5.52 20.93 12.73
N LYS A 73 6.07 20.34 13.77
CA LYS A 73 7.52 19.99 13.88
C LYS A 73 8.09 19.30 12.64
N ILE A 74 7.27 18.48 11.97
CA ILE A 74 7.75 17.80 10.75
C ILE A 74 8.38 18.76 9.75
N TRP A 75 7.73 19.91 9.57
CA TRP A 75 8.14 20.85 8.58
C TRP A 75 9.24 21.80 9.05
N GLN A 76 9.42 21.90 10.35
CA GLN A 76 10.57 22.64 10.86
C GLN A 76 11.85 21.86 10.69
N ASP A 77 11.76 20.54 10.91
CA ASP A 77 12.87 19.63 10.92
CA ASP A 77 13.02 19.71 10.75
C ASP A 77 12.70 18.56 9.81
N LYS A 78 12.37 18.98 8.58
CA LYS A 78 12.01 18.00 7.57
C LYS A 78 13.20 17.13 7.21
N ALA A 79 14.43 17.64 7.31
CA ALA A 79 15.61 16.78 7.10
C ALA A 79 15.61 15.59 8.04
N ASP A 80 15.36 15.87 9.32
CA ASP A 80 15.34 14.78 10.27
C ASP A 80 14.19 13.81 10.00
N PHE A 81 13.00 14.37 9.71
CA PHE A 81 11.88 13.55 9.34
C PHE A 81 12.19 12.60 8.16
N ASP A 82 12.77 13.19 7.13
CA ASP A 82 13.10 12.44 5.91
C ASP A 82 14.21 11.39 6.18
N SER A 83 15.16 11.70 7.08
CA SER A 83 16.16 10.70 7.50
C SER A 83 15.48 9.53 8.19
N LYS A 84 14.57 9.84 9.13
CA LYS A 84 13.80 8.76 9.81
C LYS A 84 12.98 7.95 8.78
N MET A 85 12.31 8.66 7.87
CA MET A 85 11.48 7.94 6.89
C MET A 85 12.30 7.02 5.98
N THR A 86 13.42 7.52 5.48
CA THR A 86 14.28 6.65 4.66
C THR A 86 14.89 5.50 5.42
N ALA A 87 15.20 5.73 6.70
CA ALA A 87 15.67 4.66 7.54
C ALA A 87 14.63 3.62 7.78
N PHE A 88 13.33 4.10 7.87
CA PHE A 88 12.25 3.14 7.99
C PHE A 88 12.13 2.28 6.72
N GLN A 89 12.16 2.94 5.55
CA GLN A 89 12.09 2.18 4.28
C GLN A 89 13.21 1.16 4.28
N ASP A 90 14.41 1.56 4.70
CA ASP A 90 15.55 0.62 4.74
C ASP A 90 15.30 -0.55 5.72
N ASN A 91 14.88 -0.25 6.96
CA ASN A 91 14.63 -1.32 7.89
CA ASN A 91 14.63 -1.26 7.98
C ASN A 91 13.49 -2.23 7.53
N ALA A 92 12.46 -1.69 6.84
CA ALA A 92 11.38 -2.54 6.36
C ALA A 92 11.90 -3.50 5.27
N ALA A 93 12.76 -2.98 4.41
CA ALA A 93 13.39 -3.83 3.38
C ALA A 93 14.20 -4.95 4.09
N ALA A 94 14.94 -4.54 5.14
CA ALA A 94 15.77 -5.51 5.88
C ALA A 94 14.94 -6.60 6.58
N LEU A 95 13.77 -6.20 7.08
CA LEU A 95 12.88 -7.20 7.64
C LEU A 95 12.34 -8.18 6.61
N ALA A 96 12.01 -7.62 5.44
CA ALA A 96 11.60 -8.48 4.33
C ALA A 96 12.69 -9.50 3.95
N VAL A 97 13.96 -9.04 3.93
CA VAL A 97 15.07 -9.98 3.65
C VAL A 97 15.15 -11.02 4.77
N ALA A 98 15.08 -10.58 6.04
CA ALA A 98 15.21 -11.53 7.14
C ALA A 98 14.11 -12.58 7.10
N ALA A 99 12.91 -12.15 6.67
CA ALA A 99 11.78 -13.05 6.56
C ALA A 99 11.89 -14.14 5.50
N LYS A 100 12.88 -14.02 4.61
CA LYS A 100 13.14 -15.07 3.65
C LYS A 100 14.00 -16.22 4.20
N SER A 101 14.41 -16.16 5.46
CA SER A 101 15.19 -17.20 6.08
CA SER A 101 15.23 -17.16 6.13
C SER A 101 14.35 -17.75 7.26
N SER A 102 14.83 -18.82 7.84
CA SER A 102 14.21 -19.38 9.03
C SER A 102 14.96 -19.02 10.31
N ASP A 103 15.87 -18.04 10.26
CA ASP A 103 16.64 -17.61 11.43
C ASP A 103 15.73 -16.76 12.33
N GLN A 104 15.12 -17.42 13.32
CA GLN A 104 14.10 -16.78 14.11
C GLN A 104 14.72 -15.65 14.91
N ASN A 105 15.93 -15.79 15.42
CA ASN A 105 16.48 -14.71 16.23
CA ASN A 105 16.59 -14.75 16.23
C ASN A 105 16.77 -13.47 15.38
N ASN A 106 17.24 -13.67 14.16
CA ASN A 106 17.48 -12.55 13.27
C ASN A 106 16.12 -11.88 12.90
N ILE A 107 15.10 -12.69 12.61
CA ILE A 107 13.78 -12.10 12.32
C ILE A 107 13.24 -11.30 13.50
N LYS A 108 13.32 -11.83 14.74
CA LYS A 108 12.83 -11.12 15.91
C LYS A 108 13.55 -9.78 16.05
N GLN A 109 14.87 -9.77 15.87
CA GLN A 109 15.61 -8.52 15.95
C GLN A 109 15.28 -7.53 14.80
N ALA A 110 15.12 -8.04 13.58
CA ALA A 110 14.70 -7.20 12.47
C ALA A 110 13.33 -6.56 12.74
N PHE A 111 12.45 -7.36 13.32
CA PHE A 111 11.08 -6.87 13.60
C PHE A 111 11.20 -5.77 14.65
N ALA A 112 11.99 -5.99 15.72
CA ALA A 112 12.23 -4.96 16.71
C ALA A 112 12.87 -3.71 16.15
N ASN A 113 13.79 -3.86 15.21
CA ASN A 113 14.44 -2.72 14.61
C ASN A 113 13.37 -1.86 13.88
N THR A 114 12.47 -2.55 13.16
CA THR A 114 11.42 -1.82 12.42
C THR A 114 10.48 -1.15 13.44
N GLY A 115 10.05 -1.85 14.49
CA GLY A 115 9.20 -1.30 15.51
C GLY A 115 9.78 -0.07 16.12
N LYS A 116 11.07 -0.08 16.40
CA LYS A 116 11.73 1.10 16.99
C LYS A 116 11.64 2.29 16.12
N SER A 117 11.65 2.11 14.79
CA SER A 117 11.55 3.26 13.93
CA SER A 117 11.52 3.15 13.75
C SER A 117 10.15 3.84 13.93
N CYS A 118 9.13 3.00 14.02
CA CYS A 118 7.77 3.53 14.19
C CYS A 118 7.69 4.41 15.40
N LYS A 119 8.13 3.85 16.53
CA LYS A 119 8.06 4.57 17.76
C LYS A 119 8.90 5.82 17.76
N GLY A 120 10.12 5.73 17.25
CA GLY A 120 11.04 6.84 17.22
C GLY A 120 10.48 8.03 16.45
N CYS A 121 9.80 7.75 15.32
CA CYS A 121 9.17 8.79 14.63
C CYS A 121 7.95 9.35 15.28
N HIS A 122 7.08 8.47 15.77
CA HIS A 122 5.88 8.95 16.46
C HIS A 122 6.23 9.82 17.68
N ASP A 123 7.28 9.43 18.38
CA ASP A 123 7.63 10.17 19.62
C ASP A 123 7.91 11.61 19.31
N VAL A 124 8.51 11.89 18.15
CA VAL A 124 8.93 13.25 17.79
C VAL A 124 7.86 14.00 16.97
N TYR A 125 7.18 13.29 16.05
CA TYR A 125 6.42 13.94 14.98
C TYR A 125 4.94 13.66 14.96
N LYS A 126 4.40 12.91 15.89
CA LYS A 126 2.98 12.56 15.91
C LYS A 126 2.42 12.94 17.24
N LYS A 127 1.19 13.46 17.23
CA LYS A 127 0.48 13.81 18.48
C LYS A 127 0.34 12.57 19.33
N ASP A 128 0.37 12.76 20.65
CA ASP A 128 0.01 11.69 21.59
C ASP A 128 -1.46 11.30 21.52
N ASN B 1 -8.82 -11.90 10.08
CA ASN B 1 -8.04 -10.91 10.89
C ASN B 1 -8.71 -9.62 11.25
N PHE B 2 -9.88 -9.43 10.71
CA PHE B 2 -10.64 -8.20 10.94
C PHE B 2 -11.60 -8.38 12.13
N GLU B 3 -11.51 -7.46 13.08
CA GLU B 3 -12.31 -7.52 14.29
C GLU B 3 -13.80 -7.30 13.93
N GLU B 4 -14.09 -6.32 13.06
CA GLU B 4 -15.42 -6.06 12.62
C GLU B 4 -15.44 -5.84 11.14
N PRO B 5 -16.62 -6.01 10.50
CA PRO B 5 -16.66 -5.81 9.03
C PRO B 5 -16.17 -4.45 8.60
N ALA B 6 -16.45 -3.43 9.40
CA ALA B 6 -16.04 -2.07 9.04
C ALA B 6 -14.54 -1.95 8.83
N ASP B 7 -13.76 -2.76 9.57
CA ASP B 7 -12.34 -2.68 9.44
C ASP B 7 -11.88 -3.33 8.14
N ALA B 8 -12.58 -4.38 7.72
CA ALA B 8 -12.26 -5.04 6.42
C ALA B 8 -12.61 -4.08 5.25
N ILE B 9 -13.75 -3.36 5.40
CA ILE B 9 -14.15 -2.38 4.42
C ILE B 9 -13.17 -1.23 4.33
N GLU B 10 -12.74 -0.72 5.46
CA GLU B 10 -11.79 0.36 5.48
C GLU B 10 -10.44 -0.03 4.85
N TYR B 11 -9.98 -1.25 5.16
CA TYR B 11 -8.74 -1.79 4.62
C TYR B 11 -8.78 -1.81 3.06
N ARG B 12 -9.84 -2.38 2.51
CA ARG B 12 -9.87 -2.53 1.06
C ARG B 12 -10.08 -1.19 0.39
N GLN B 13 -10.89 -0.35 1.01
CA GLN B 13 -11.07 1.04 0.47
C GLN B 13 -9.79 1.84 0.47
N ALA B 14 -9.03 1.73 1.58
CA ALA B 14 -7.82 2.48 1.70
C ALA B 14 -6.84 2.05 0.57
N ALA B 15 -6.70 0.72 0.39
CA ALA B 15 -5.77 0.19 -0.65
C ALA B 15 -6.19 0.66 -2.03
N PHE B 16 -7.50 0.58 -2.35
CA PHE B 16 -7.91 1.03 -3.70
C PHE B 16 -7.73 2.51 -3.87
N GLY B 17 -7.93 3.32 -2.81
CA GLY B 17 -7.62 4.73 -3.00
C GLY B 17 -6.17 5.02 -3.33
N LEU B 18 -5.30 4.28 -2.66
CA LEU B 18 -3.88 4.39 -2.96
C LEU B 18 -3.56 3.92 -4.40
N ILE B 19 -4.19 2.82 -4.76
CA ILE B 19 -4.02 2.29 -6.15
C ILE B 19 -4.44 3.35 -7.17
N ALA B 20 -5.59 3.99 -6.93
CA ALA B 20 -6.15 4.96 -7.89
C ALA B 20 -5.25 6.17 -8.03
N TYR B 21 -4.69 6.62 -6.92
CA TYR B 21 -3.85 7.80 -6.96
C TYR B 21 -2.58 7.53 -7.80
N ASN B 22 -1.93 6.39 -7.56
CA ASN B 22 -0.74 6.03 -8.26
C ASN B 22 -1.04 5.67 -9.72
N PHE B 23 -2.10 4.93 -9.94
CA PHE B 23 -2.49 4.56 -11.32
C PHE B 23 -2.86 5.82 -12.11
N GLY B 24 -3.54 6.75 -11.48
CA GLY B 24 -3.94 7.97 -12.15
C GLY B 24 -2.76 8.82 -12.59
N ASP B 25 -1.66 8.77 -11.83
CA ASP B 25 -0.52 9.55 -12.23
C ASP B 25 0.16 8.96 -13.49
N MET B 26 0.17 7.63 -13.61
CA MET B 26 0.62 7.01 -14.85
C MET B 26 -0.30 7.43 -16.00
N GLY B 27 -1.60 7.38 -15.72
CA GLY B 27 -2.59 7.83 -16.72
C GLY B 27 -2.33 9.24 -17.22
N ALA B 28 -2.03 10.14 -16.34
CA ALA B 28 -1.79 11.53 -16.67
C ALA B 28 -0.63 11.63 -17.60
N MET B 29 0.43 10.83 -17.30
CA MET B 29 1.62 10.88 -18.17
C MET B 29 1.27 10.32 -19.55
N LEU B 30 0.51 9.23 -19.62
CA LEU B 30 0.23 8.65 -20.96
C LEU B 30 -0.82 9.41 -21.78
N LYS B 31 -1.70 10.13 -21.10
CA LYS B 31 -2.82 10.90 -21.73
C LYS B 31 -2.30 12.23 -22.24
N GLY B 32 -1.13 12.63 -21.73
CA GLY B 32 -0.51 13.92 -22.02
C GLY B 32 -0.89 15.09 -21.16
N LYS B 33 -1.50 14.81 -20.02
CA LYS B 33 -1.80 15.88 -19.05
C LYS B 33 -0.48 16.38 -18.42
N LYS B 34 0.51 15.50 -18.29
CA LYS B 34 1.88 15.91 -17.83
C LYS B 34 2.90 15.10 -18.62
N PRO B 35 4.14 15.63 -18.78
CA PRO B 35 5.12 14.88 -19.60
C PRO B 35 5.46 13.52 -18.97
N PHE B 36 5.76 12.56 -19.83
CA PHE B 36 6.20 11.32 -19.36
C PHE B 36 7.58 11.49 -18.68
N ASP B 37 7.67 10.96 -17.46
CA ASP B 37 8.90 11.01 -16.63
C ASP B 37 9.16 9.55 -16.26
N ALA B 38 10.20 8.94 -16.81
CA ALA B 38 10.39 7.52 -16.70
C ALA B 38 10.61 7.11 -15.22
N ALA B 39 11.35 7.96 -14.52
CA ALA B 39 11.69 7.69 -13.10
C ALA B 39 10.46 7.68 -12.15
N VAL B 40 9.58 8.68 -12.32
CA VAL B 40 8.38 8.74 -11.56
C VAL B 40 7.42 7.62 -12.00
N PHE B 41 7.35 7.41 -13.30
CA PHE B 41 6.46 6.39 -13.86
C PHE B 41 6.78 5.01 -13.26
N SER B 42 8.09 4.71 -13.19
CA SER B 42 8.43 3.41 -12.64
CA SER B 42 8.58 3.46 -12.59
C SER B 42 8.11 3.28 -11.15
N THR B 43 8.29 4.36 -10.40
CA THR B 43 7.84 4.35 -8.98
C THR B 43 6.31 4.09 -8.89
N ARG B 44 5.52 4.80 -9.74
CA ARG B 44 4.09 4.58 -9.72
C ARG B 44 3.69 3.17 -10.08
N ALA B 45 4.35 2.62 -11.13
CA ALA B 45 4.06 1.25 -11.53
C ALA B 45 4.43 0.21 -10.44
N ASP B 46 5.58 0.43 -9.86
CA ASP B 46 5.98 -0.43 -8.71
C ASP B 46 4.97 -0.32 -7.56
N ASN B 47 4.52 0.89 -7.27
CA ASN B 47 3.52 1.08 -6.22
C ASN B 47 2.24 0.33 -6.58
N VAL B 48 1.73 0.50 -7.82
CA VAL B 48 0.50 -0.18 -8.16
C VAL B 48 0.65 -1.71 -8.07
N ALA B 49 1.78 -2.25 -8.51
CA ALA B 49 1.98 -3.70 -8.49
C ALA B 49 1.97 -4.19 -7.03
N ALA B 50 2.63 -3.45 -6.12
CA ALA B 50 2.68 -3.89 -4.72
C ALA B 50 1.31 -3.70 -4.05
N LEU B 51 0.64 -2.58 -4.35
CA LEU B 51 -0.62 -2.34 -3.75
C LEU B 51 -1.70 -3.29 -4.20
N SER B 52 -1.53 -3.74 -5.48
CA SER B 52 -2.54 -4.69 -6.01
C SER B 52 -2.66 -5.98 -5.16
N LYS B 53 -1.62 -6.30 -4.38
CA LYS B 53 -1.58 -7.53 -3.62
C LYS B 53 -2.42 -7.39 -2.32
N ILE B 54 -2.84 -6.15 -2.03
CA ILE B 54 -3.43 -5.80 -0.71
C ILE B 54 -4.97 -6.04 -0.62
N PRO B 55 -5.82 -5.46 -1.52
CA PRO B 55 -7.23 -5.35 -1.11
C PRO B 55 -8.01 -6.63 -1.07
N HIS B 56 -7.57 -7.69 -1.75
CA HIS B 56 -8.40 -8.89 -1.81
CA HIS B 56 -8.38 -8.91 -1.81
C HIS B 56 -8.75 -9.40 -0.42
N GLU B 57 -7.78 -9.31 0.49
CA GLU B 57 -7.97 -9.84 1.84
C GLU B 57 -9.18 -9.23 2.54
N GLY B 58 -9.53 -8.02 2.19
CA GLY B 58 -10.64 -7.32 2.86
C GLY B 58 -12.05 -7.78 2.45
N PHE B 59 -12.17 -8.60 1.41
CA PHE B 59 -13.51 -9.02 0.91
C PHE B 59 -13.99 -10.27 1.64
N ILE B 60 -14.21 -10.07 2.94
CA ILE B 60 -14.62 -11.13 3.85
C ILE B 60 -16.09 -11.44 3.64
N ALA B 61 -16.48 -12.67 3.89
CA ALA B 61 -17.84 -13.16 3.57
C ALA B 61 -18.92 -12.24 4.04
N GLY B 62 -19.77 -11.83 3.08
CA GLY B 62 -21.02 -11.15 3.39
C GLY B 62 -20.87 -9.68 3.78
N SER B 63 -19.66 -9.09 3.68
CA SER B 63 -19.38 -7.71 4.15
C SER B 63 -19.92 -6.65 3.15
N ASP B 64 -21.15 -6.85 2.73
CA ASP B 64 -21.80 -5.98 1.80
C ASP B 64 -22.69 -4.98 2.49
N LYS B 65 -22.72 -5.01 3.85
CA LYS B 65 -23.57 -4.10 4.62
C LYS B 65 -22.78 -2.85 5.02
N GLY B 66 -23.52 -1.78 5.26
CA GLY B 66 -22.94 -0.52 5.72
C GLY B 66 -22.24 0.27 4.63
N ASP B 67 -21.21 1.02 5.02
CA ASP B 67 -20.63 2.05 4.18
C ASP B 67 -19.57 1.41 3.26
N THR B 68 -20.07 0.72 2.22
CA THR B 68 -19.26 -0.01 1.25
C THR B 68 -19.94 0.16 -0.07
N GLU B 69 -19.11 0.20 -1.09
CA GLU B 69 -19.57 0.12 -2.48
C GLU B 69 -19.49 -1.29 -3.06
N ALA B 70 -19.08 -2.27 -2.27
CA ALA B 70 -19.07 -3.67 -2.73
C ALA B 70 -20.47 -4.20 -2.85
N LEU B 71 -20.70 -4.91 -3.96
CA LEU B 71 -22.00 -5.57 -4.17
C LEU B 71 -22.06 -6.97 -3.57
N ALA B 72 -23.25 -7.41 -3.18
CA ALA B 72 -23.52 -8.79 -2.71
C ALA B 72 -23.07 -9.80 -3.76
N LYS B 73 -23.14 -9.40 -5.04
CA LYS B 73 -22.72 -10.27 -6.14
C LYS B 73 -21.32 -10.84 -5.96
N ILE B 74 -20.43 -10.08 -5.34
CA ILE B 74 -19.06 -10.58 -5.07
C ILE B 74 -19.14 -11.96 -4.47
N TRP B 75 -19.98 -12.13 -3.43
CA TRP B 75 -19.97 -13.39 -2.65
C TRP B 75 -20.90 -14.45 -3.28
N GLN B 76 -21.73 -14.03 -4.24
CA GLN B 76 -22.51 -14.99 -5.06
C GLN B 76 -21.65 -15.67 -6.12
N ASP B 77 -20.68 -14.94 -6.64
CA ASP B 77 -19.82 -15.38 -7.71
C ASP B 77 -18.33 -15.18 -7.37
N LYS B 78 -17.94 -15.66 -6.19
CA LYS B 78 -16.64 -15.22 -5.63
C LYS B 78 -15.49 -15.75 -6.52
N ALA B 79 -15.65 -16.91 -7.18
CA ALA B 79 -14.57 -17.40 -8.02
C ALA B 79 -14.28 -16.47 -9.21
N ASP B 80 -15.36 -15.85 -9.75
CA ASP B 80 -15.19 -14.90 -10.84
C ASP B 80 -14.52 -13.63 -10.36
N PHE B 81 -14.99 -13.12 -9.19
CA PHE B 81 -14.35 -11.96 -8.64
C PHE B 81 -12.83 -12.25 -8.40
N ASP B 82 -12.53 -13.41 -7.81
CA ASP B 82 -11.15 -13.79 -7.53
C ASP B 82 -10.30 -13.91 -8.83
N SER B 83 -10.90 -14.48 -9.88
CA SER B 83 -10.25 -14.56 -11.15
C SER B 83 -9.87 -13.19 -11.68
N LYS B 84 -10.84 -12.28 -11.61
CA LYS B 84 -10.54 -10.88 -11.97
C LYS B 84 -9.48 -10.24 -11.12
N MET B 85 -9.49 -10.52 -9.81
CA MET B 85 -8.52 -9.89 -8.96
C MET B 85 -7.12 -10.41 -9.26
N THR B 86 -7.00 -11.72 -9.47
CA THR B 86 -5.69 -12.33 -9.80
C THR B 86 -5.15 -11.79 -11.15
N ALA B 87 -6.06 -11.63 -12.13
CA ALA B 87 -5.67 -11.09 -13.43
C ALA B 87 -5.18 -9.64 -13.27
N PHE B 88 -5.87 -8.88 -12.40
CA PHE B 88 -5.48 -7.51 -12.15
C PHE B 88 -4.04 -7.49 -11.57
N GLN B 89 -3.82 -8.29 -10.53
CA GLN B 89 -2.46 -8.37 -9.96
CA GLN B 89 -2.48 -8.44 -9.94
C GLN B 89 -1.40 -8.75 -10.98
N ASP B 90 -1.71 -9.71 -11.82
CA ASP B 90 -0.77 -10.10 -12.88
C ASP B 90 -0.51 -8.99 -13.91
N ASN B 91 -1.58 -8.28 -14.25
CA ASN B 91 -1.49 -7.11 -15.14
C ASN B 91 -0.64 -6.00 -14.57
N ALA B 92 -0.86 -5.75 -13.25
CA ALA B 92 -0.11 -4.70 -12.62
C ALA B 92 1.37 -5.05 -12.58
N ALA B 93 1.67 -6.32 -12.27
CA ALA B 93 3.08 -6.79 -12.27
C ALA B 93 3.73 -6.62 -13.68
N ALA B 94 2.94 -6.88 -14.74
CA ALA B 94 3.46 -6.76 -16.13
C ALA B 94 3.72 -5.28 -16.46
N LEU B 95 2.86 -4.39 -15.95
CA LEU B 95 3.07 -2.95 -16.12
C LEU B 95 4.38 -2.50 -15.42
N ALA B 96 4.62 -3.02 -14.20
CA ALA B 96 5.84 -2.69 -13.49
C ALA B 96 7.08 -3.15 -14.31
N VAL B 97 7.00 -4.36 -14.83
CA VAL B 97 8.12 -4.86 -15.68
C VAL B 97 8.31 -3.98 -16.93
N ALA B 98 7.20 -3.60 -17.57
CA ALA B 98 7.29 -2.80 -18.79
C ALA B 98 7.95 -1.43 -18.48
N ALA B 99 7.60 -0.87 -17.31
CA ALA B 99 8.12 0.43 -16.88
C ALA B 99 9.62 0.43 -16.60
N LYS B 100 10.26 -0.73 -16.52
CA LYS B 100 11.70 -0.84 -16.37
C LYS B 100 12.46 -0.74 -17.68
N SER B 101 11.75 -0.64 -18.80
CA SER B 101 12.42 -0.53 -20.11
C SER B 101 11.87 0.70 -20.80
N SER B 102 12.43 0.99 -21.97
CA SER B 102 12.13 2.26 -22.65
C SER B 102 10.91 2.14 -23.59
N ASP B 103 10.60 0.92 -24.05
CA ASP B 103 9.60 0.68 -25.11
C ASP B 103 8.21 1.25 -24.71
N GLN B 104 7.81 2.36 -25.36
CA GLN B 104 6.59 3.06 -24.93
C GLN B 104 5.35 2.28 -25.29
N ASN B 105 5.40 1.64 -26.48
CA ASN B 105 4.20 0.85 -26.96
C ASN B 105 3.92 -0.25 -25.91
N ASN B 106 4.99 -0.93 -25.46
CA ASN B 106 4.79 -1.93 -24.39
C ASN B 106 4.22 -1.41 -23.04
N ILE B 107 4.69 -0.26 -22.63
CA ILE B 107 4.10 0.43 -21.46
C ILE B 107 2.62 0.75 -21.68
N LYS B 108 2.33 1.33 -22.83
N LYS B 108 2.33 1.33 -22.84
CA LYS B 108 1.00 1.83 -23.10
CA LYS B 108 0.98 1.80 -23.14
C LYS B 108 -0.01 0.68 -23.15
C LYS B 108 -0.01 0.65 -23.13
N GLN B 109 0.40 -0.46 -23.73
CA GLN B 109 -0.44 -1.64 -23.76
C GLN B 109 -0.65 -2.23 -22.37
N ALA B 110 0.42 -2.32 -21.60
CA ALA B 110 0.36 -2.89 -20.24
C ALA B 110 -0.60 -2.04 -19.37
N PHE B 111 -0.50 -0.74 -19.52
CA PHE B 111 -1.33 0.20 -18.78
C PHE B 111 -2.80 -0.01 -19.16
N ALA B 112 -3.04 -0.11 -20.47
CA ALA B 112 -4.43 -0.33 -20.95
C ALA B 112 -4.99 -1.63 -20.38
N ASN B 113 -4.19 -2.71 -20.39
CA ASN B 113 -4.70 -3.99 -19.88
C ASN B 113 -5.02 -3.87 -18.41
N THR B 114 -4.15 -3.18 -17.65
CA THR B 114 -4.43 -2.98 -16.20
C THR B 114 -5.71 -2.13 -15.99
N GLY B 115 -5.91 -1.10 -16.82
CA GLY B 115 -7.06 -0.24 -16.69
C GLY B 115 -8.37 -0.96 -16.97
N LYS B 116 -8.29 -1.88 -17.92
CA LYS B 116 -9.43 -2.74 -18.24
C LYS B 116 -9.83 -3.65 -17.08
N SER B 117 -8.84 -4.12 -16.32
CA SER B 117 -9.16 -4.79 -15.06
C SER B 117 -10.04 -3.97 -14.15
N CYS B 118 -9.69 -2.71 -13.95
CA CYS B 118 -10.48 -1.89 -13.04
C CYS B 118 -11.94 -1.84 -13.51
N LYS B 119 -12.09 -1.48 -14.78
CA LYS B 119 -13.41 -1.24 -15.33
C LYS B 119 -14.28 -2.51 -15.34
N GLY B 120 -13.65 -3.61 -15.72
CA GLY B 120 -14.35 -4.88 -15.80
C GLY B 120 -14.86 -5.40 -14.47
N CYS B 121 -14.05 -5.23 -13.44
CA CYS B 121 -14.49 -5.60 -12.11
C CYS B 121 -15.54 -4.64 -11.56
N HIS B 122 -15.29 -3.36 -11.71
CA HIS B 122 -16.29 -2.37 -11.17
C HIS B 122 -17.67 -2.55 -11.82
N ASP B 123 -17.66 -2.85 -13.12
CA ASP B 123 -18.95 -2.94 -13.83
C ASP B 123 -19.86 -3.97 -13.19
N VAL B 124 -19.25 -5.07 -12.72
CA VAL B 124 -20.00 -6.19 -12.20
C VAL B 124 -20.16 -6.17 -10.66
N TYR B 125 -19.16 -5.67 -9.96
CA TYR B 125 -19.03 -5.90 -8.52
C TYR B 125 -19.03 -4.67 -7.61
N LYS B 126 -19.08 -3.47 -8.21
CA LYS B 126 -19.09 -2.23 -7.46
C LYS B 126 -20.36 -1.43 -7.77
N LYS B 127 -20.88 -0.75 -6.76
CA LYS B 127 -21.99 0.12 -6.98
C LYS B 127 -21.62 1.14 -8.03
N ASP B 128 -22.64 1.57 -8.74
CA ASP B 128 -22.43 2.60 -9.74
C ASP B 128 -21.99 3.96 -9.13
#